data_9QR8
#
_entry.id   9QR8
#
_cell.length_a   59.010
_cell.length_b   39.580
_cell.length_c   64.640
_cell.angle_alpha   90.000
_cell.angle_beta   108.110
_cell.angle_gamma   90.000
#
_symmetry.space_group_name_H-M   'P 1 21 1'
#
loop_
_entity.id
_entity.type
_entity.pdbx_description
1 polymer 'Protein neprosin'
2 branched alpha-L-fucopyranose-(1-6)-2-acetamido-2-deoxy-beta-D-glucopyranose
3 branched beta-D-mannopyranose-(1-4)-2-acetamido-2-deoxy-beta-D-glucopyranose-(1-4)-2-acetamido-2-deoxy-beta-D-glucopyranose
4 non-polymer 'SULFATE ION'
5 non-polymer 'CHLORIDE ION'
6 non-polymer 2-AMINO-2-HYDROXYMETHYL-PROPANE-1,3-DIOL
7 non-polymer DI(HYDROXYETHYL)ETHER
8 non-polymer GLYCEROL
9 non-polymer GLYCINE
10 water water
#
_entity_poly.entity_id   1
_entity_poly.type   'polypeptide(L)'
_entity_poly.pdbx_seq_one_letter_code
;MVRSIQARLANKPKGTIKTIKGDDGEVVDCVDIYKQPAFDHPLLKNHTLQMQPSSYASKVGEYNKLEQPWHKNGECPKGS
IPIRRQVITGLPVVKKQFPNLKFAPPSANTNHQYAVIAYFYGNASLQGANATINIWEPNLKNPNGDFSLTQIWISAGSGS
SLNTIEAGWQVYPGRTGDSQPRFFIYWTADGYTSTGCYDLTCPGFVQTNNYYAIGMALQPSVYGGQQYELNESIQRDPAT
GNWWLYLWGTVVGYWPASIYNSITNGADTVEWGGEIYDSSGTGGFHTTTQMGSGHFPTEGYGKASYVRDLQVVDTYGNVI
SPTANSFQGIAPAPNCYNYQFQQGSSELYLFYGGPGCQAIAHHHHHH
;
_entity_poly.pdbx_strand_id   A
#
# COMPACT_ATOMS: atom_id res chain seq x y z
N THR A 110 -13.59 10.67 -7.89
CA THR A 110 -13.37 9.43 -7.13
C THR A 110 -13.73 9.58 -5.67
N ASN A 111 -14.02 8.44 -5.06
CA ASN A 111 -14.29 8.38 -3.64
C ASN A 111 -13.13 7.77 -2.86
N HIS A 112 -11.93 7.77 -3.45
CA HIS A 112 -10.71 7.35 -2.77
C HIS A 112 -9.95 8.57 -2.28
N GLN A 113 -9.31 8.43 -1.11
CA GLN A 113 -8.36 9.42 -0.64
C GLN A 113 -7.05 8.74 -0.30
N TYR A 114 -5.97 9.51 -0.28
CA TYR A 114 -4.64 8.94 -0.13
C TYR A 114 -3.74 9.80 0.73
N ALA A 115 -2.79 9.12 1.39
CA ALA A 115 -1.59 9.75 1.92
C ALA A 115 -0.47 8.83 1.43
N VAL A 116 0.10 9.15 0.26
CA VAL A 116 0.97 8.25 -0.49
C VAL A 116 2.17 9.04 -0.98
N ILE A 117 3.32 8.35 -1.03
CA ILE A 117 4.53 8.88 -1.64
C ILE A 117 4.91 8.02 -2.83
N ALA A 118 5.49 8.64 -3.85
CA ALA A 118 5.79 7.95 -5.10
C ALA A 118 7.23 8.18 -5.49
N TYR A 119 7.88 7.11 -5.94
CA TYR A 119 9.26 7.13 -6.36
C TYR A 119 9.27 6.80 -7.85
N PHE A 120 9.77 7.73 -8.65
CA PHE A 120 9.74 7.59 -10.09
C PHE A 120 11.18 7.42 -10.57
N TYR A 121 11.38 6.42 -11.43
CA TYR A 121 12.66 6.11 -12.03
C TYR A 121 12.61 6.48 -13.51
N GLY A 122 13.78 6.72 -14.09
CA GLY A 122 13.81 7.14 -15.48
C GLY A 122 13.21 6.13 -16.44
N ASN A 123 13.30 4.85 -16.12
CA ASN A 123 12.83 3.79 -17.00
C ASN A 123 12.33 2.64 -16.14
N ALA A 124 11.77 1.63 -16.79
CA ALA A 124 11.21 0.47 -16.09
C ALA A 124 12.31 -0.56 -15.82
N SER A 125 13.27 -0.17 -14.98
CA SER A 125 14.38 -1.06 -14.68
C SER A 125 14.56 -1.34 -13.19
N LEU A 126 13.69 -0.82 -12.32
CA LEU A 126 13.77 -1.22 -10.92
C LEU A 126 13.53 -2.71 -10.84
N GLN A 127 14.21 -3.38 -9.90
CA GLN A 127 14.18 -4.83 -9.80
C GLN A 127 13.44 -5.34 -8.58
N GLY A 128 12.77 -4.47 -7.83
CA GLY A 128 12.08 -4.86 -6.62
C GLY A 128 11.93 -3.68 -5.70
N ALA A 129 11.18 -3.90 -4.61
CA ALA A 129 11.05 -2.89 -3.58
C ALA A 129 10.61 -3.58 -2.29
N ASN A 130 10.85 -2.91 -1.18
CA ASN A 130 10.42 -3.40 0.12
C ASN A 130 9.37 -2.45 0.69
N ALA A 131 8.65 -2.94 1.70
CA ALA A 131 7.80 -2.08 2.50
C ALA A 131 7.59 -2.77 3.83
N THR A 132 7.83 -2.06 4.92
CA THR A 132 7.56 -2.59 6.25
C THR A 132 6.48 -1.71 6.85
N ILE A 133 5.29 -2.27 6.96
CA ILE A 133 4.06 -1.49 7.14
C ILE A 133 3.54 -1.73 8.55
N ASN A 134 3.52 -0.68 9.35
CA ASN A 134 2.86 -0.69 10.64
C ASN A 134 1.42 -1.18 10.46
N ILE A 135 1.00 -2.10 11.32
CA ILE A 135 -0.32 -2.73 11.22
C ILE A 135 -1.26 -2.05 12.22
N TRP A 136 -2.43 -1.66 11.73
CA TRP A 136 -3.49 -1.07 12.55
C TRP A 136 -4.83 -1.63 12.11
N GLU A 137 -5.86 -1.37 12.93
CA GLU A 137 -7.25 -1.71 12.63
C GLU A 137 -8.05 -0.42 12.58
N PRO A 138 -7.90 0.37 11.51
CA PRO A 138 -8.66 1.61 11.40
C PRO A 138 -10.16 1.33 11.37
N ASN A 139 -10.93 2.25 11.93
CA ASN A 139 -12.38 2.15 11.96
C ASN A 139 -13.01 2.73 10.70
N LEU A 140 -14.04 2.05 10.22
CA LEU A 140 -14.76 2.48 9.02
C LEU A 140 -16.08 3.08 9.44
N LYS A 141 -16.39 4.27 8.91
CA LYS A 141 -17.68 4.87 9.24
C LYS A 141 -18.83 4.15 8.53
N ASN A 142 -18.58 3.66 7.31
CA ASN A 142 -19.61 3.04 6.47
C ASN A 142 -19.13 1.67 6.02
N PRO A 143 -19.18 0.67 6.90
CA PRO A 143 -18.65 -0.66 6.55
C PRO A 143 -19.36 -1.32 5.39
N ASN A 144 -20.53 -0.83 4.95
CA ASN A 144 -21.22 -1.49 3.84
C ASN A 144 -20.33 -1.50 2.60
N GLY A 145 -19.61 -0.40 2.36
CA GLY A 145 -18.75 -0.36 1.21
C GLY A 145 -17.38 0.25 1.44
N ASP A 146 -17.13 0.80 2.63
CA ASP A 146 -15.85 1.45 2.87
C ASP A 146 -14.71 0.45 2.92
N PHE A 147 -13.49 0.95 2.72
CA PHE A 147 -12.32 0.18 3.11
C PHE A 147 -11.20 1.15 3.47
N SER A 148 -10.20 0.62 4.16
CA SER A 148 -8.99 1.35 4.51
C SER A 148 -7.81 0.41 4.38
N LEU A 149 -6.70 0.90 3.84
CA LEU A 149 -5.59 0.02 3.57
C LEU A 149 -4.27 0.79 3.67
N THR A 150 -3.17 0.03 3.79
CA THR A 150 -1.83 0.54 3.56
C THR A 150 -1.07 -0.51 2.75
N GLN A 151 -0.39 -0.06 1.69
CA GLN A 151 0.19 -1.02 0.76
C GLN A 151 1.36 -0.40 0.01
N ILE A 152 2.02 -1.23 -0.77
CA ILE A 152 2.97 -0.82 -1.79
C ILE A 152 2.29 -1.03 -3.13
N TRP A 153 2.61 -0.16 -4.09
CA TRP A 153 2.27 -0.35 -5.48
C TRP A 153 3.57 -0.29 -6.28
N ILE A 154 3.83 -1.32 -7.07
CA ILE A 154 4.98 -1.37 -7.95
C ILE A 154 4.41 -1.43 -9.36
N SER A 155 4.77 -0.46 -10.22
CA SER A 155 4.09 -0.35 -11.49
C SER A 155 5.05 -0.01 -12.63
N ALA A 156 4.60 -0.35 -13.83
CA ALA A 156 5.20 0.12 -15.07
C ALA A 156 4.08 0.43 -16.06
N GLY A 157 4.41 1.22 -17.06
CA GLY A 157 3.44 1.55 -18.09
C GLY A 157 2.53 2.69 -17.67
N SER A 158 1.50 2.90 -18.47
CA SER A 158 0.49 3.87 -18.10
C SER A 158 -0.77 3.59 -18.91
N GLY A 159 -1.86 4.22 -18.48
CA GLY A 159 -3.13 4.04 -19.17
C GLY A 159 -3.58 2.60 -19.18
N SER A 160 -4.07 2.15 -20.34
CA SER A 160 -4.48 0.77 -20.49
C SER A 160 -3.30 -0.20 -20.51
N SER A 161 -2.06 0.28 -20.48
CA SER A 161 -0.92 -0.61 -20.35
C SER A 161 -0.28 -0.54 -18.99
N LEU A 162 -0.92 0.12 -18.04
CA LEU A 162 -0.43 0.09 -16.66
C LEU A 162 -0.44 -1.33 -16.10
N ASN A 163 0.72 -1.78 -15.61
CA ASN A 163 0.84 -3.03 -14.86
C ASN A 163 1.16 -2.69 -13.41
N THR A 164 0.52 -3.38 -12.47
CA THR A 164 0.81 -3.13 -11.06
C THR A 164 1.07 -4.44 -10.33
N ILE A 165 1.83 -4.32 -9.24
CA ILE A 165 2.11 -5.37 -8.28
C ILE A 165 1.79 -4.78 -6.92
N GLU A 166 0.90 -5.40 -6.18
CA GLU A 166 0.37 -4.71 -5.01
C GLU A 166 0.29 -5.66 -3.82
N ALA A 167 0.75 -5.19 -2.66
CA ALA A 167 0.65 -6.01 -1.46
C ALA A 167 0.58 -5.08 -0.27
N GLY A 168 -0.29 -5.42 0.69
CA GLY A 168 -0.35 -4.65 1.91
C GLY A 168 -1.35 -5.25 2.89
N TRP A 169 -1.93 -4.41 3.76
CA TRP A 169 -3.01 -4.83 4.62
C TRP A 169 -4.23 -3.97 4.33
N GLN A 170 -5.40 -4.57 4.50
CA GLN A 170 -6.64 -3.87 4.18
C GLN A 170 -7.70 -4.26 5.20
N VAL A 171 -8.47 -3.27 5.64
CA VAL A 171 -9.71 -3.48 6.38
C VAL A 171 -10.84 -3.23 5.39
N TYR A 172 -11.49 -4.29 4.93
CA TYR A 172 -12.51 -4.17 3.87
C TYR A 172 -13.59 -5.19 4.13
N PRO A 173 -14.52 -4.89 5.03
CA PRO A 173 -15.54 -5.88 5.42
C PRO A 173 -16.33 -6.45 4.25
N GLY A 174 -16.67 -5.62 3.25
CA GLY A 174 -17.44 -6.08 2.11
C GLY A 174 -16.75 -7.14 1.29
N ARG A 175 -15.43 -7.25 1.40
CA ARG A 175 -14.66 -8.27 0.69
C ARG A 175 -14.29 -9.45 1.59
N THR A 176 -13.93 -9.18 2.84
CA THR A 176 -13.31 -10.16 3.70
C THR A 176 -14.25 -10.71 4.76
N GLY A 177 -15.39 -10.06 4.99
CA GLY A 177 -16.33 -10.54 5.96
C GLY A 177 -16.06 -10.12 7.39
N ASP A 178 -15.01 -9.34 7.65
CA ASP A 178 -14.85 -8.73 8.97
C ASP A 178 -14.06 -7.43 8.87
N SER A 179 -13.85 -6.80 10.03
CA SER A 179 -13.17 -5.52 10.12
C SER A 179 -11.72 -5.66 10.60
N GLN A 180 -11.13 -6.86 10.49
CA GLN A 180 -9.74 -7.03 10.86
C GLN A 180 -8.81 -6.63 9.72
N PRO A 181 -7.64 -6.09 10.04
CA PRO A 181 -6.63 -5.90 9.00
C PRO A 181 -6.15 -7.25 8.48
N ARG A 182 -6.18 -7.41 7.17
CA ARG A 182 -5.87 -8.70 6.55
C ARG A 182 -4.83 -8.50 5.46
N PHE A 183 -3.92 -9.46 5.34
CA PHE A 183 -2.93 -9.35 4.27
C PHE A 183 -3.59 -9.57 2.93
N PHE A 184 -3.24 -8.75 1.95
CA PHE A 184 -3.90 -8.83 0.67
C PHE A 184 -2.85 -8.65 -0.41
N ILE A 185 -3.17 -9.12 -1.62
CA ILE A 185 -2.40 -8.74 -2.80
C ILE A 185 -3.38 -8.32 -3.87
N TYR A 186 -2.86 -7.60 -4.85
CA TYR A 186 -3.62 -7.21 -6.02
C TYR A 186 -2.67 -7.12 -7.20
N TRP A 187 -3.22 -7.18 -8.40
CA TRP A 187 -2.42 -6.89 -9.58
C TRP A 187 -3.35 -6.43 -10.68
N THR A 188 -2.77 -5.80 -11.69
CA THR A 188 -3.48 -5.60 -12.93
C THR A 188 -2.46 -5.55 -14.06
N ALA A 189 -2.92 -5.90 -15.26
CA ALA A 189 -2.10 -5.80 -16.46
C ALA A 189 -2.69 -4.85 -17.49
N ASP A 190 -3.84 -4.22 -17.21
CA ASP A 190 -4.37 -3.27 -18.19
C ASP A 190 -4.99 -2.06 -17.51
N GLY A 191 -4.35 -1.58 -16.44
CA GLY A 191 -4.85 -0.37 -15.79
C GLY A 191 -6.24 -0.51 -15.21
N TYR A 192 -6.53 -1.67 -14.61
CA TYR A 192 -7.76 -1.96 -13.88
C TYR A 192 -8.99 -1.97 -14.78
N THR A 193 -8.83 -2.26 -16.06
CA THR A 193 -9.98 -2.28 -16.95
C THR A 193 -10.61 -3.67 -17.01
N SER A 194 -9.82 -4.67 -17.39
CA SER A 194 -10.32 -6.03 -17.61
C SER A 194 -9.53 -7.11 -16.89
N THR A 195 -8.41 -6.79 -16.24
CA THR A 195 -7.56 -7.81 -15.67
C THR A 195 -7.24 -7.45 -14.25
N GLY A 196 -6.87 -8.48 -13.48
CA GLY A 196 -6.48 -8.27 -12.11
C GLY A 196 -7.59 -8.60 -11.13
N CYS A 197 -7.20 -8.82 -9.89
CA CYS A 197 -8.10 -9.27 -8.84
C CYS A 197 -7.34 -9.30 -7.53
N TYR A 198 -8.12 -9.33 -6.45
CA TYR A 198 -7.57 -9.53 -5.12
C TYR A 198 -7.11 -10.97 -4.93
N ASP A 199 -6.03 -11.12 -4.17
CA ASP A 199 -5.66 -12.39 -3.51
C ASP A 199 -5.62 -13.50 -4.56
N LEU A 200 -6.23 -14.66 -4.30
CA LEU A 200 -6.24 -15.76 -5.24
C LEU A 200 -7.62 -15.92 -5.89
N THR A 201 -8.41 -14.84 -5.95
CA THR A 201 -9.75 -14.96 -6.49
C THR A 201 -9.80 -15.13 -8.00
N CYS A 202 -8.68 -14.93 -8.69
CA CYS A 202 -8.62 -15.15 -10.14
C CYS A 202 -7.23 -15.67 -10.46
N PRO A 203 -7.08 -16.39 -11.58
CA PRO A 203 -5.74 -16.88 -11.95
C PRO A 203 -4.79 -15.72 -12.17
N GLY A 204 -3.57 -15.88 -11.70
CA GLY A 204 -2.75 -14.72 -11.44
C GLY A 204 -1.54 -15.09 -10.63
N PHE A 205 -1.46 -14.50 -9.45
CA PHE A 205 -0.44 -14.86 -8.48
C PHE A 205 -0.39 -16.37 -8.29
N VAL A 206 0.84 -16.90 -8.22
CA VAL A 206 1.08 -18.32 -7.97
C VAL A 206 1.65 -18.44 -6.57
N GLN A 207 0.90 -19.04 -5.65
CA GLN A 207 1.41 -19.26 -4.30
C GLN A 207 2.21 -20.55 -4.29
N THR A 208 3.47 -20.46 -3.89
CA THR A 208 4.30 -21.65 -3.75
C THR A 208 4.47 -22.11 -2.31
N ASN A 209 4.23 -21.24 -1.33
CA ASN A 209 4.43 -21.61 0.06
C ASN A 209 3.23 -21.12 0.86
N ASN A 210 2.58 -22.03 1.56
CA ASN A 210 1.37 -21.71 2.31
C ASN A 210 1.64 -21.51 3.80
N TYR A 211 2.91 -21.33 4.20
CA TYR A 211 3.22 -21.01 5.58
C TYR A 211 2.42 -19.81 6.06
N TYR A 212 2.33 -18.78 5.22
CA TYR A 212 1.44 -17.65 5.42
C TYR A 212 0.28 -17.76 4.43
N ALA A 213 -0.93 -17.46 4.90
CA ALA A 213 -2.10 -17.50 4.04
C ALA A 213 -2.40 -16.12 3.49
N ILE A 214 -2.61 -16.05 2.17
CA ILE A 214 -3.08 -14.81 1.59
C ILE A 214 -4.46 -14.55 2.15
N GLY A 215 -4.69 -13.33 2.65
CA GLY A 215 -5.94 -13.02 3.33
C GLY A 215 -5.88 -13.15 4.84
N MET A 216 -4.75 -13.55 5.40
CA MET A 216 -4.67 -13.80 6.84
C MET A 216 -4.88 -12.50 7.63
N ALA A 217 -5.62 -12.62 8.74
CA ALA A 217 -5.74 -11.51 9.68
C ALA A 217 -4.40 -11.22 10.36
N LEU A 218 -4.15 -9.94 10.60
CA LEU A 218 -2.90 -9.47 11.17
C LEU A 218 -3.16 -8.86 12.53
N GLN A 219 -2.11 -8.83 13.35
CA GLN A 219 -2.24 -8.30 14.70
C GLN A 219 -2.16 -6.78 14.70
N PRO A 220 -3.15 -6.06 15.21
CA PRO A 220 -3.11 -4.60 15.17
C PRO A 220 -2.23 -4.04 16.28
N SER A 221 -1.55 -2.94 15.96
CA SER A 221 -0.72 -2.27 16.95
C SER A 221 -1.58 -1.57 18.01
N VAL A 222 -0.93 -1.18 19.10
CA VAL A 222 -1.59 -0.61 20.26
C VAL A 222 -1.18 0.86 20.37
N TYR A 223 -2.16 1.73 20.52
CA TYR A 223 -1.90 3.16 20.62
C TYR A 223 -1.02 3.42 21.84
N GLY A 224 0.16 3.96 21.60
CA GLY A 224 1.14 4.10 22.66
C GLY A 224 1.66 2.80 23.23
N GLY A 225 1.43 1.68 22.56
CA GLY A 225 1.87 0.39 23.08
C GLY A 225 2.56 -0.43 22.01
N GLN A 226 2.34 -1.76 22.08
CA GLN A 226 2.97 -2.70 21.17
C GLN A 226 2.65 -2.37 19.73
N GLN A 227 3.71 -2.34 18.90
CA GLN A 227 3.59 -2.11 17.48
C GLN A 227 3.84 -3.40 16.73
N TYR A 228 3.12 -3.60 15.63
CA TYR A 228 3.26 -4.77 14.80
C TYR A 228 3.55 -4.28 13.38
N GLU A 229 4.40 -5.02 12.67
CA GLU A 229 4.79 -4.66 11.31
C GLU A 229 4.49 -5.79 10.35
N LEU A 230 4.13 -5.42 9.13
CA LEU A 230 4.02 -6.35 8.00
C LEU A 230 5.20 -6.09 7.08
N ASN A 231 6.21 -6.96 7.11
CA ASN A 231 7.38 -6.78 6.25
C ASN A 231 7.14 -7.57 4.98
N GLU A 232 7.15 -6.88 3.86
CA GLU A 232 7.02 -7.54 2.57
C GLU A 232 8.15 -7.09 1.68
N SER A 233 8.72 -8.05 0.95
CA SER A 233 9.81 -7.77 0.02
C SER A 233 9.41 -8.36 -1.32
N ILE A 234 9.42 -7.54 -2.37
CA ILE A 234 9.07 -8.00 -3.72
C ILE A 234 10.33 -7.91 -4.59
N GLN A 235 10.63 -8.99 -5.32
CA GLN A 235 11.90 -9.15 -6.02
C GLN A 235 11.68 -9.78 -7.38
N ARG A 236 12.13 -9.10 -8.42
CA ARG A 236 12.03 -9.65 -9.77
C ARG A 236 13.13 -10.69 -9.98
N ASP A 237 12.76 -11.86 -10.48
CA ASP A 237 13.73 -12.86 -10.90
C ASP A 237 14.21 -12.51 -12.31
N PRO A 238 15.49 -12.21 -12.51
CA PRO A 238 15.93 -11.73 -13.83
C PRO A 238 15.95 -12.80 -14.89
N ALA A 239 15.86 -14.08 -14.54
CA ALA A 239 15.81 -15.13 -15.55
C ALA A 239 14.43 -15.29 -16.18
N THR A 240 13.37 -14.81 -15.52
CA THR A 240 12.02 -15.09 -16.00
C THR A 240 11.19 -13.82 -16.15
N GLY A 241 11.49 -12.80 -15.37
CA GLY A 241 10.58 -11.70 -15.18
C GLY A 241 9.53 -11.92 -14.10
N ASN A 242 9.51 -13.09 -13.47
CA ASN A 242 8.56 -13.33 -12.39
C ASN A 242 8.87 -12.43 -11.22
N TRP A 243 7.84 -11.95 -10.53
CA TRP A 243 8.02 -11.09 -9.36
C TRP A 243 7.67 -11.87 -8.11
N TRP A 244 8.67 -12.11 -7.26
CA TRP A 244 8.52 -12.95 -6.09
C TRP A 244 8.18 -12.14 -4.84
N LEU A 245 7.28 -12.68 -4.03
CA LEU A 245 6.86 -12.03 -2.79
C LEU A 245 7.39 -12.80 -1.59
N TYR A 246 8.00 -12.07 -0.66
CA TYR A 246 8.41 -12.61 0.62
C TYR A 246 7.74 -11.80 1.72
N LEU A 247 7.31 -12.50 2.78
CA LEU A 247 6.79 -11.85 3.97
C LEU A 247 7.65 -12.22 5.17
N TRP A 248 8.14 -11.21 5.87
CA TRP A 248 9.04 -11.42 7.01
C TRP A 248 10.14 -12.41 6.64
N GLY A 249 10.62 -12.32 5.40
CA GLY A 249 11.71 -13.14 4.94
C GLY A 249 11.34 -14.50 4.41
N THR A 250 10.07 -14.88 4.47
CA THR A 250 9.60 -16.18 4.00
C THR A 250 8.89 -16.04 2.67
N VAL A 251 9.20 -16.95 1.74
CA VAL A 251 8.60 -16.89 0.41
C VAL A 251 7.11 -17.23 0.49
N VAL A 252 6.32 -16.50 -0.28
CA VAL A 252 4.91 -16.78 -0.46
C VAL A 252 4.63 -17.32 -1.86
N GLY A 253 5.15 -16.65 -2.88
CA GLY A 253 4.99 -17.05 -4.26
C GLY A 253 5.33 -15.88 -5.18
N TYR A 254 4.75 -15.88 -6.37
CA TYR A 254 5.12 -14.86 -7.33
C TYR A 254 3.97 -14.45 -8.26
N TRP A 255 4.07 -13.21 -8.76
CA TRP A 255 3.29 -12.79 -9.91
C TRP A 255 4.06 -13.18 -11.17
N PRO A 256 3.53 -14.08 -12.00
CA PRO A 256 4.28 -14.50 -13.18
C PRO A 256 4.38 -13.37 -14.20
N ALA A 257 5.52 -13.31 -14.87
CA ALA A 257 5.68 -12.36 -15.96
C ALA A 257 4.62 -12.57 -17.02
N SER A 258 4.11 -13.81 -17.16
CA SER A 258 3.21 -14.19 -18.25
C SER A 258 1.86 -13.48 -18.19
N ILE A 259 1.49 -12.95 -17.02
CA ILE A 259 0.25 -12.18 -16.90
C ILE A 259 0.47 -10.71 -17.22
N TYR A 260 1.70 -10.29 -17.49
CA TYR A 260 2.04 -8.89 -17.64
C TYR A 260 2.52 -8.60 -19.05
N ASN A 261 2.59 -7.32 -19.37
CA ASN A 261 3.14 -6.90 -20.65
C ASN A 261 4.20 -5.81 -20.52
N SER A 262 4.04 -4.87 -19.59
CA SER A 262 4.92 -3.72 -19.50
C SER A 262 5.86 -3.73 -18.29
N ILE A 263 5.69 -4.66 -17.34
CA ILE A 263 6.50 -4.70 -16.13
C ILE A 263 7.41 -5.93 -16.08
N THR A 264 7.48 -6.69 -17.17
CA THR A 264 8.25 -7.94 -17.16
C THR A 264 9.75 -7.73 -16.96
N ASN A 265 10.27 -6.57 -17.36
CA ASN A 265 11.71 -6.35 -17.30
C ASN A 265 12.11 -5.52 -16.10
N GLY A 266 11.15 -5.09 -15.28
CA GLY A 266 11.41 -4.16 -14.22
C GLY A 266 10.28 -3.14 -14.14
N ALA A 267 10.27 -2.32 -13.10
CA ALA A 267 9.24 -1.32 -12.87
C ALA A 267 9.82 0.07 -12.99
N ASP A 268 8.97 1.07 -13.25
CA ASP A 268 9.43 2.45 -13.28
C ASP A 268 8.93 3.29 -12.11
N THR A 269 7.99 2.79 -11.33
CA THR A 269 7.42 3.58 -10.25
C THR A 269 7.17 2.67 -9.07
N VAL A 270 7.42 3.17 -7.86
CA VAL A 270 7.01 2.52 -6.63
C VAL A 270 6.32 3.54 -5.75
N GLU A 271 5.20 3.13 -5.15
CA GLU A 271 4.41 3.98 -4.27
C GLU A 271 4.11 3.22 -2.99
N TRP A 272 4.04 3.96 -1.89
CA TRP A 272 3.80 3.42 -0.56
C TRP A 272 2.84 4.34 0.17
N GLY A 273 1.96 3.75 0.99
CA GLY A 273 1.21 4.55 1.93
C GLY A 273 -0.22 4.10 2.04
N GLY A 274 -1.07 5.02 2.45
CA GLY A 274 -2.41 4.69 2.88
C GLY A 274 -3.49 5.15 1.91
N GLU A 275 -4.62 4.45 1.96
CA GLU A 275 -5.72 4.71 1.06
C GLU A 275 -7.01 4.37 1.78
N ILE A 276 -8.06 5.19 1.57
CA ILE A 276 -9.39 4.83 2.03
C ILE A 276 -10.33 4.94 0.84
N TYR A 277 -11.33 4.08 0.83
CA TYR A 277 -12.43 4.19 -0.11
C TYR A 277 -13.68 4.60 0.66
N ASP A 278 -14.30 5.71 0.25
CA ASP A 278 -15.42 6.30 0.97
C ASP A 278 -16.70 5.98 0.19
N SER A 279 -17.45 4.99 0.67
CA SER A 279 -18.66 4.58 -0.02
C SER A 279 -19.85 5.49 0.27
N SER A 280 -19.72 6.45 1.18
CA SER A 280 -20.81 7.37 1.51
C SER A 280 -20.86 8.59 0.59
N GLY A 281 -19.92 8.74 -0.33
CA GLY A 281 -20.02 9.80 -1.31
C GLY A 281 -19.63 11.17 -0.82
N THR A 282 -18.77 11.26 0.18
CA THR A 282 -18.23 12.55 0.59
C THR A 282 -16.91 12.85 -0.14
N GLY A 283 -16.52 11.99 -1.08
CA GLY A 283 -15.25 12.14 -1.74
C GLY A 283 -14.08 11.83 -0.83
N GLY A 284 -14.33 11.15 0.28
CA GLY A 284 -13.29 10.99 1.26
C GLY A 284 -12.94 12.25 2.01
N PHE A 285 -13.74 13.31 1.86
CA PHE A 285 -13.43 14.60 2.47
C PHE A 285 -14.14 14.86 3.78
N HIS A 286 -15.21 14.12 4.07
CA HIS A 286 -15.97 14.32 5.30
C HIS A 286 -16.43 13.00 5.88
N THR A 287 -15.50 12.05 5.99
CA THR A 287 -15.80 10.77 6.60
C THR A 287 -14.80 10.48 7.70
N THR A 288 -15.31 9.97 8.82
CA THR A 288 -14.47 9.60 9.94
C THR A 288 -13.84 8.22 9.78
N THR A 289 -13.98 7.60 8.62
CA THR A 289 -13.23 6.41 8.28
C THR A 289 -11.74 6.72 8.39
N GLN A 290 -11.04 5.89 9.17
CA GLN A 290 -9.66 6.17 9.54
C GLN A 290 -8.71 5.63 8.49
N MET A 291 -7.56 6.30 8.39
CA MET A 291 -6.43 5.83 7.58
C MET A 291 -5.25 5.61 8.51
N GLY A 292 -4.51 4.52 8.26
CA GLY A 292 -3.43 4.15 9.16
C GLY A 292 -4.00 3.81 10.53
N SER A 293 -3.48 4.48 11.57
CA SER A 293 -3.99 4.31 12.91
C SER A 293 -5.20 5.18 13.22
N GLY A 294 -5.63 6.00 12.27
CA GLY A 294 -6.60 7.04 12.56
C GLY A 294 -6.03 8.27 13.23
N HIS A 295 -4.72 8.38 13.34
CA HIS A 295 -4.09 9.54 13.96
C HIS A 295 -3.18 10.23 12.94
N PHE A 296 -3.05 11.55 13.08
CA PHE A 296 -2.25 12.31 12.14
C PHE A 296 -0.76 11.99 12.33
N PRO A 297 0.02 12.09 11.26
CA PRO A 297 1.44 11.68 11.32
C PRO A 297 2.26 12.37 12.39
N THR A 298 1.93 13.62 12.74
CA THR A 298 2.72 14.35 13.73
C THR A 298 2.73 13.65 15.08
N GLU A 299 1.78 12.75 15.34
CA GLU A 299 1.80 12.04 16.60
C GLU A 299 2.99 11.09 16.71
N GLY A 300 3.50 10.61 15.59
CA GLY A 300 4.76 9.89 15.55
C GLY A 300 4.63 8.43 15.96
N TYR A 301 5.80 7.82 16.19
CA TYR A 301 5.89 6.38 16.42
C TYR A 301 5.03 5.94 17.59
N GLY A 302 4.31 4.83 17.41
CA GLY A 302 3.45 4.30 18.43
C GLY A 302 2.04 4.86 18.43
N LYS A 303 1.82 5.98 17.74
CA LYS A 303 0.52 6.63 17.70
C LYS A 303 0.01 6.86 16.30
N ALA A 304 0.89 7.22 15.37
CA ALA A 304 0.55 7.32 13.96
C ALA A 304 1.21 6.16 13.22
N SER A 305 0.52 5.63 12.21
CA SER A 305 1.07 4.52 11.44
C SER A 305 2.23 5.00 10.58
N TYR A 306 3.14 4.07 10.27
CA TYR A 306 4.29 4.37 9.43
C TYR A 306 4.50 3.27 8.39
N VAL A 307 5.21 3.63 7.34
CA VAL A 307 5.86 2.67 6.46
C VAL A 307 7.35 2.94 6.53
N ARG A 308 8.14 1.89 6.70
CA ARG A 308 9.59 2.04 6.64
C ARG A 308 10.16 0.97 5.71
N ASP A 309 11.49 0.82 5.68
CA ASP A 309 12.14 0.01 4.65
C ASP A 309 11.68 0.48 3.26
N LEU A 310 11.69 1.80 3.06
CA LEU A 310 11.40 2.39 1.75
C LEU A 310 12.61 2.18 0.86
N GLN A 311 12.66 1.00 0.27
CA GLN A 311 13.82 0.60 -0.52
C GLN A 311 13.40 0.12 -1.89
N VAL A 312 14.25 0.37 -2.88
CA VAL A 312 14.08 -0.17 -4.21
C VAL A 312 15.38 -0.87 -4.58
N VAL A 313 15.31 -1.69 -5.62
CA VAL A 313 16.49 -2.34 -6.19
C VAL A 313 16.74 -1.74 -7.56
N ASP A 314 17.91 -1.11 -7.74
CA ASP A 314 18.13 -0.32 -8.94
C ASP A 314 18.49 -1.23 -10.10
N THR A 315 18.75 -0.60 -11.25
CA THR A 315 19.05 -1.35 -12.46
C THR A 315 20.31 -2.18 -12.26
N TYR A 316 21.32 -1.62 -11.59
CA TYR A 316 22.57 -2.31 -11.28
C TYR A 316 22.42 -3.37 -10.19
N GLY A 317 21.22 -3.58 -9.67
CA GLY A 317 20.98 -4.61 -8.68
C GLY A 317 21.27 -4.23 -7.24
N ASN A 318 21.65 -2.99 -6.97
CA ASN A 318 21.90 -2.56 -5.60
C ASN A 318 20.60 -2.15 -4.91
N VAL A 319 20.55 -2.38 -3.60
CA VAL A 319 19.45 -1.90 -2.77
C VAL A 319 19.69 -0.44 -2.44
N ILE A 320 18.70 0.40 -2.73
CA ILE A 320 18.81 1.85 -2.53
C ILE A 320 17.65 2.32 -1.69
N SER A 321 17.96 3.08 -0.63
CA SER A 321 16.93 3.73 0.16
C SER A 321 16.88 5.18 -0.27
N PRO A 322 15.87 5.60 -1.03
CA PRO A 322 15.83 6.99 -1.50
C PRO A 322 15.76 7.96 -0.33
N THR A 323 16.30 9.16 -0.55
CA THR A 323 16.12 10.22 0.42
C THR A 323 14.76 10.89 0.20
N ALA A 324 14.33 11.68 1.18
CA ALA A 324 12.94 12.14 1.22
C ALA A 324 12.59 12.99 0.00
N ASN A 325 13.55 13.79 -0.47
CA ASN A 325 13.39 14.64 -1.64
C ASN A 325 13.21 13.85 -2.91
N SER A 326 13.41 12.54 -2.87
CA SER A 326 13.23 11.71 -4.05
C SER A 326 11.78 11.28 -4.25
N PHE A 327 10.88 11.66 -3.35
CA PHE A 327 9.51 11.18 -3.38
C PHE A 327 8.56 12.30 -3.76
N GLN A 328 7.58 11.97 -4.60
CA GLN A 328 6.41 12.82 -4.85
C GLN A 328 5.32 12.45 -3.85
N GLY A 329 4.86 13.43 -3.08
CA GLY A 329 3.82 13.17 -2.10
C GLY A 329 2.41 13.41 -2.65
N ILE A 330 1.44 12.67 -2.10
CA ILE A 330 0.04 12.76 -2.51
C ILE A 330 -0.81 12.75 -1.25
N ALA A 331 -1.56 13.83 -1.02
CA ALA A 331 -2.53 13.89 0.09
C ALA A 331 -3.61 14.88 -0.30
N PRO A 332 -4.57 14.45 -1.14
CA PRO A 332 -5.57 15.40 -1.67
C PRO A 332 -6.63 15.84 -0.68
N ALA A 333 -6.66 15.30 0.54
CA ALA A 333 -7.57 15.75 1.61
C ALA A 333 -6.76 15.96 2.88
N PRO A 334 -5.87 16.95 2.89
CA PRO A 334 -4.85 17.02 3.95
C PRO A 334 -5.39 17.36 5.33
N ASN A 335 -6.57 17.97 5.42
CA ASN A 335 -7.16 18.13 6.74
C ASN A 335 -7.70 16.82 7.29
N CYS A 336 -7.86 15.79 6.45
CA CYS A 336 -8.40 14.50 6.85
C CYS A 336 -7.36 13.41 6.95
N TYR A 337 -6.47 13.33 5.98
CA TYR A 337 -5.40 12.34 5.96
C TYR A 337 -4.17 12.98 5.37
N ASN A 338 -3.00 12.68 5.94
CA ASN A 338 -1.78 13.41 5.64
C ASN A 338 -0.60 12.46 5.78
N TYR A 339 0.56 12.91 5.31
CA TYR A 339 1.79 12.19 5.52
C TYR A 339 2.87 13.15 6.00
N GLN A 340 3.86 12.60 6.70
CA GLN A 340 5.02 13.35 7.11
C GLN A 340 6.22 12.42 7.07
N PHE A 341 7.29 12.85 6.40
CA PHE A 341 8.57 12.12 6.48
C PHE A 341 9.24 12.38 7.83
N GLN A 342 9.82 11.33 8.40
CA GLN A 342 10.62 11.45 9.62
C GLN A 342 11.92 10.72 9.32
N GLN A 343 12.86 11.43 8.66
CA GLN A 343 14.16 10.86 8.30
C GLN A 343 15.00 10.75 9.56
N GLY A 344 15.12 9.54 10.09
CA GLY A 344 16.06 9.27 11.15
C GLY A 344 17.44 9.01 10.59
N SER A 345 18.39 8.77 11.50
CA SER A 345 19.72 8.38 11.06
C SER A 345 19.73 6.95 10.53
N SER A 346 18.92 6.05 11.11
CA SER A 346 18.89 4.66 10.66
C SER A 346 18.18 4.52 9.30
N GLU A 347 17.01 5.12 9.16
CA GLU A 347 16.26 5.00 7.91
C GLU A 347 15.19 6.09 7.84
N LEU A 348 14.57 6.17 6.68
CA LEU A 348 13.51 7.14 6.42
C LEU A 348 12.17 6.52 6.79
N TYR A 349 11.34 7.28 7.49
CA TYR A 349 10.01 6.86 7.91
C TYR A 349 8.99 7.64 7.11
N LEU A 350 7.97 6.97 6.60
CA LEU A 350 6.78 7.65 6.11
C LEU A 350 5.70 7.46 7.17
N PHE A 351 5.39 8.53 7.92
CA PHE A 351 4.25 8.54 8.82
C PHE A 351 3.05 9.09 8.05
N TYR A 352 1.90 8.45 8.20
CA TYR A 352 0.79 8.69 7.27
C TYR A 352 -0.53 8.35 7.95
N GLY A 353 -1.59 8.94 7.42
CA GLY A 353 -2.92 8.59 7.87
C GLY A 353 -3.63 9.73 8.54
N GLY A 354 -4.69 9.43 9.26
CA GLY A 354 -5.42 10.43 9.99
C GLY A 354 -6.82 9.98 10.32
N PRO A 355 -7.50 10.77 11.15
CA PRO A 355 -8.85 10.39 11.61
C PRO A 355 -9.94 10.61 10.59
N GLY A 356 -9.66 11.29 9.48
CA GLY A 356 -10.70 11.73 8.58
C GLY A 356 -11.32 13.00 9.10
N CYS A 357 -12.17 13.61 8.27
CA CYS A 357 -12.80 14.87 8.62
C CYS A 357 -14.24 14.66 9.06
N GLN A 358 -14.65 15.38 10.10
CA GLN A 358 -16.04 15.32 10.51
C GLN A 358 -16.89 16.13 9.55
N ALA A 359 -18.14 15.72 9.40
CA ALA A 359 -19.12 16.46 8.59
C ALA A 359 -19.55 17.70 9.35
N ILE A 360 -18.69 18.72 9.35
CA ILE A 360 -18.92 19.92 10.14
C ILE A 360 -19.26 21.13 9.28
N ALA A 361 -19.24 20.99 7.95
CA ALA A 361 -19.58 22.11 7.07
C ALA A 361 -21.03 22.54 7.29
N HIS A 362 -21.27 23.84 7.14
CA HIS A 362 -22.59 24.39 7.43
C HIS A 362 -22.95 25.51 6.45
N HIS A 363 -22.57 25.39 5.18
CA HIS A 363 -22.66 26.56 4.31
C HIS A 363 -24.10 26.90 3.90
N HIS A 364 -24.32 28.20 3.71
CA HIS A 364 -25.58 28.79 3.29
C HIS A 364 -25.25 30.12 2.60
N HIS A 365 -26.06 30.53 1.65
CA HIS A 365 -25.81 31.81 0.99
C HIS A 365 -26.19 32.98 1.90
#